data_3IIX
#
_entry.id   3IIX
#
_cell.length_a   51.054
_cell.length_b   78.925
_cell.length_c   86.192
_cell.angle_alpha   90.00
_cell.angle_beta   90.00
_cell.angle_gamma   90.00
#
_symmetry.space_group_name_H-M   'P 21 21 21'
#
loop_
_entity.id
_entity.type
_entity.pdbx_description
1 polymer '[FeFe] hydrogenase maturase subunit HydE'
2 non-polymer 'IRON/SULFUR CLUSTER'
3 non-polymer METHIONINE
4 non-polymer "5'-DEOXYADENOSINE"
5 non-polymer 3-[(3-CHOLAMIDOPROPYL)DIMETHYLAMMONIO]-1-PROPANESULFONATE
6 non-polymer trisulfane
7 non-polymer 'CHLORIDE ION'
8 non-polymer 'CARBONATE ION'
9 water water
#
_entity_poly.entity_id   1
_entity_poly.type   'polypeptide(L)'
_entity_poly.pdbx_seq_one_letter_code
;MTGREILEKLERREFTREVLKEALSINDRGFNEALFKLADEIRRKYVGDEVHIRAIIEFSNVCRKNCLYCGLRRDNKNLK
RYRMTPEEIVERARLAVQFGAKTIVLQSGEDPY(OTY)MPDVISDIVKEIKKMGVAVTLSLGEWPREYYEKWKEAGADRY
LLRHETANPVLHRKLRPDTSFENRLN(CSO)LLTLKELGYETGAGSMVGLPGQTIDDLVDDLLFLKEHDFDMVGIGPFIP
HPDTPLANEKKGDFTLTLKMVALTRILLPDSNIPATTAMGTIVPGGREITLRCGANVIMPNWTPSPYRQLYQLYPGKI
(CSS)VFEKDTACIP(CSO)VMKMIELLGRKPGRDWGGRKRVFETV
;
_entity_poly.pdbx_strand_id   A
#
loop_
_chem_comp.id
_chem_comp.type
_chem_comp.name
_chem_comp.formula
5AD non-polymer 5'-DEOXYADENOSINE 'C10 H13 N5 O3'
CL non-polymer 'CHLORIDE ION' 'Cl -1'
CO3 non-polymer 'CARBONATE ION' 'C O3 -2'
CPS non-polymer 3-[(3-CHOLAMIDOPROPYL)DIMETHYLAMMONIO]-1-PROPANESULFONATE 'C32 H58 N2 O7 S'
S3H non-polymer trisulfane 'H2 S3'
SF4 non-polymer 'IRON/SULFUR CLUSTER' 'Fe4 S4'
#
# COMPACT_ATOMS: atom_id res chain seq x y z
N MET A 1 31.01 4.93 5.24
CA MET A 1 31.02 3.49 5.61
C MET A 1 31.03 2.65 4.34
N THR A 2 31.72 1.50 4.38
CA THR A 2 31.72 0.55 3.27
C THR A 2 30.39 -0.21 3.25
N GLY A 3 30.12 -0.90 2.15
CA GLY A 3 28.94 -1.74 2.05
C GLY A 3 28.86 -2.72 3.21
N ARG A 4 29.97 -3.42 3.48
CA ARG A 4 30.00 -4.38 4.57
C ARG A 4 29.69 -3.70 5.91
N GLU A 5 30.23 -2.51 6.12
CA GLU A 5 29.99 -1.79 7.36
C GLU A 5 28.53 -1.32 7.50
N ILE A 6 27.92 -0.90 6.40
CA ILE A 6 26.49 -0.52 6.44
C ILE A 6 25.61 -1.71 6.79
N LEU A 7 25.89 -2.85 6.17
CA LEU A 7 25.15 -4.07 6.47
C LEU A 7 25.27 -4.46 7.93
N GLU A 8 26.49 -4.38 8.47
CA GLU A 8 26.71 -4.70 9.87
C GLU A 8 25.93 -3.78 10.81
N LYS A 9 25.92 -2.49 10.49
CA LYS A 9 25.16 -1.53 11.28
C LYS A 9 23.66 -1.79 11.20
N LEU A 10 23.17 -2.17 10.01
CA LEU A 10 21.76 -2.55 9.86
C LEU A 10 21.43 -3.79 10.68
N GLU A 11 22.32 -4.79 10.65
CA GLU A 11 22.14 -6.01 11.45
C GLU A 11 22.16 -5.74 12.96
N ARG A 12 22.96 -4.76 13.38
CA ARG A 12 23.03 -4.34 14.80
C ARG A 12 21.93 -3.33 15.15
N ARG A 13 21.14 -2.94 14.14
CA ARG A 13 20.04 -1.99 14.33
C ARG A 13 20.45 -0.59 14.73
N GLU A 14 21.56 -0.15 14.15
CA GLU A 14 22.05 1.22 14.27
C GLU A 14 21.46 2.03 13.13
N PHE A 15 20.20 2.42 13.31
CA PHE A 15 19.40 3.01 12.23
C PHE A 15 19.52 4.51 12.18
N THR A 16 20.73 4.99 11.94
CA THR A 16 20.98 6.41 11.90
C THR A 16 20.65 6.95 10.52
N ARG A 17 20.36 8.24 10.42
CA ARG A 17 20.18 8.88 9.13
C ARG A 17 21.34 8.55 8.21
N GLU A 18 22.55 8.56 8.75
CA GLU A 18 23.74 8.37 7.96
C GLU A 18 23.80 6.95 7.37
N VAL A 19 23.42 5.96 8.17
CA VAL A 19 23.41 4.57 7.69
C VAL A 19 22.36 4.39 6.57
N LEU A 20 21.18 4.96 6.78
CA LEU A 20 20.11 4.85 5.76
C LEU A 20 20.47 5.55 4.46
N LYS A 21 21.06 6.75 4.56
CA LYS A 21 21.49 7.50 3.39
C LYS A 21 22.54 6.71 2.60
N GLU A 22 23.49 6.12 3.30
CA GLU A 22 24.53 5.36 2.62
C GLU A 22 23.94 4.10 1.95
N ALA A 23 23.04 3.40 2.63
CA ALA A 23 22.38 2.24 2.03
C ALA A 23 21.65 2.58 0.72
N LEU A 24 20.98 3.73 0.68
CA LEU A 24 20.27 4.11 -0.53
C LEU A 24 21.18 4.69 -1.60
N SER A 25 22.38 5.12 -1.20
CA SER A 25 23.32 5.77 -2.12
C SER A 25 24.25 4.78 -2.81
N ILE A 26 24.59 3.68 -2.14
CA ILE A 26 25.47 2.65 -2.73
C ILE A 26 24.71 1.88 -3.81
N ASN A 27 25.33 1.74 -4.99
CA ASN A 27 24.71 1.00 -6.11
C ASN A 27 25.36 -0.33 -6.46
N ASP A 28 26.29 -0.76 -5.62
CA ASP A 28 27.00 -2.00 -5.83
C ASP A 28 26.04 -3.21 -5.82
N ARG A 29 26.15 -4.09 -6.82
CA ARG A 29 25.27 -5.27 -6.90
C ARG A 29 25.39 -6.17 -5.66
N GLY A 30 26.61 -6.44 -5.24
CA GLY A 30 26.85 -7.25 -4.05
C GLY A 30 26.17 -6.70 -2.81
N PHE A 31 26.30 -5.40 -2.58
CA PHE A 31 25.65 -4.78 -1.44
C PHE A 31 24.12 -4.94 -1.55
N ASN A 32 23.58 -4.61 -2.72
CA ASN A 32 22.13 -4.66 -2.87
C ASN A 32 21.59 -6.05 -2.60
N GLU A 33 22.28 -7.07 -3.14
CA GLU A 33 21.80 -8.45 -2.98
C GLU A 33 21.87 -8.86 -1.51
N ALA A 34 22.90 -8.41 -0.80
CA ALA A 34 23.02 -8.68 0.63
C ALA A 34 21.92 -7.97 1.44
N LEU A 35 21.59 -6.74 1.06
CA LEU A 35 20.50 -6.00 1.67
C LEU A 35 19.16 -6.73 1.47
N PHE A 36 18.92 -7.22 0.24
CA PHE A 36 17.69 -7.92 -0.06
C PHE A 36 17.62 -9.22 0.75
N LYS A 37 18.74 -9.94 0.83
CA LYS A 37 18.78 -11.19 1.60
CA LYS A 37 18.80 -11.19 1.60
C LYS A 37 18.50 -10.93 3.07
N LEU A 38 19.06 -9.85 3.61
CA LEU A 38 18.84 -9.49 5.00
C LEU A 38 17.35 -9.20 5.23
N ALA A 39 16.74 -8.40 4.37
CA ALA A 39 15.32 -8.11 4.52
C ALA A 39 14.45 -9.37 4.40
N ASP A 40 14.80 -10.26 3.47
CA ASP A 40 14.06 -11.49 3.27
C ASP A 40 14.14 -12.34 4.54
N GLU A 41 15.33 -12.42 5.12
CA GLU A 41 15.54 -13.20 6.34
CA GLU A 41 15.54 -13.20 6.32
C GLU A 41 14.79 -12.61 7.53
N ILE A 42 14.84 -11.29 7.67
CA ILE A 42 14.09 -10.62 8.73
C ILE A 42 12.59 -10.87 8.57
N ARG A 43 12.09 -10.75 7.34
CA ARG A 43 10.70 -11.07 7.06
C ARG A 43 10.38 -12.51 7.52
N ARG A 44 11.18 -13.46 7.09
CA ARG A 44 10.87 -14.83 7.47
C ARG A 44 10.88 -15.02 8.98
N LYS A 45 11.87 -14.45 9.65
CA LYS A 45 11.97 -14.64 11.10
C LYS A 45 10.82 -14.01 11.89
N TYR A 46 10.37 -12.83 11.47
CA TYR A 46 9.38 -12.09 12.24
C TYR A 46 7.94 -12.34 11.83
N VAL A 47 7.70 -12.47 10.51
CA VAL A 47 6.31 -12.64 10.02
C VAL A 47 6.08 -13.94 9.29
N GLY A 48 7.10 -14.78 9.19
CA GLY A 48 6.94 -16.11 8.65
C GLY A 48 6.69 -16.16 7.15
N ASP A 49 6.27 -17.32 6.68
CA ASP A 49 6.11 -17.61 5.26
C ASP A 49 4.69 -17.35 4.74
N GLU A 50 3.76 -16.99 5.61
CA GLU A 50 2.40 -16.68 5.16
CA GLU A 50 2.40 -16.65 5.19
C GLU A 50 2.40 -15.37 4.38
N VAL A 51 1.77 -15.39 3.22
CA VAL A 51 1.55 -14.18 2.44
C VAL A 51 0.06 -13.88 2.53
N HIS A 52 -0.27 -12.75 3.15
CA HIS A 52 -1.66 -12.38 3.37
C HIS A 52 -2.26 -11.78 2.13
N ILE A 53 -3.45 -12.28 1.80
CA ILE A 53 -4.19 -11.84 0.63
C ILE A 53 -5.24 -10.83 1.05
N ARG A 54 -5.15 -9.64 0.47
CA ARG A 54 -6.16 -8.58 0.69
C ARG A 54 -6.85 -8.34 -0.65
N ALA A 55 -8.14 -8.66 -0.75
CA ALA A 55 -8.86 -8.48 -2.02
C ALA A 55 -9.33 -7.05 -2.12
N ILE A 56 -8.91 -6.32 -3.15
CA ILE A 56 -9.25 -4.90 -3.27
C ILE A 56 -10.38 -4.67 -4.27
N ILE A 57 -11.39 -3.94 -3.83
CA ILE A 57 -12.47 -3.49 -4.68
C ILE A 57 -12.38 -1.97 -4.80
N GLU A 58 -12.13 -1.50 -6.01
CA GLU A 58 -11.96 -0.09 -6.31
C GLU A 58 -13.34 0.37 -6.79
N PHE A 59 -14.13 0.89 -5.87
CA PHE A 59 -15.57 0.93 -6.06
C PHE A 59 -16.11 2.21 -6.71
N SER A 60 -15.25 3.23 -6.78
CA SER A 60 -15.60 4.48 -7.42
C SER A 60 -14.29 5.15 -7.86
N ASN A 61 -14.27 5.70 -9.08
CA ASN A 61 -13.11 6.49 -9.56
C ASN A 61 -13.42 7.98 -9.56
N VAL A 62 -14.50 8.39 -8.88
CA VAL A 62 -14.80 9.82 -8.71
C VAL A 62 -13.90 10.42 -7.64
N CYS A 63 -13.29 11.55 -7.93
CA CYS A 63 -12.45 12.22 -6.94
C CYS A 63 -12.60 13.72 -6.97
N ARG A 64 -12.68 14.29 -5.78
CA ARG A 64 -12.71 15.76 -5.61
C ARG A 64 -11.33 16.41 -5.56
N LYS A 65 -10.27 15.62 -5.37
CA LYS A 65 -8.91 16.15 -5.27
C LYS A 65 -8.22 16.11 -6.63
N ASN A 66 -7.07 16.76 -6.70
CA ASN A 66 -6.38 17.06 -7.96
C ASN A 66 -4.90 16.70 -7.92
N CYS A 67 -4.55 15.65 -7.19
CA CYS A 67 -3.13 15.27 -7.03
C CYS A 67 -2.47 15.17 -8.40
N LEU A 68 -1.28 15.75 -8.52
CA LEU A 68 -0.66 15.92 -9.83
C LEU A 68 -0.26 14.60 -10.50
N TYR A 69 -0.04 13.56 -9.69
CA TYR A 69 0.47 12.27 -10.19
C TYR A 69 -0.64 11.31 -10.61
N CYS A 70 -1.88 11.59 -10.23
CA CYS A 70 -2.95 10.56 -10.21
C CYS A 70 -3.87 10.66 -11.42
N GLY A 71 -4.07 9.54 -12.11
CA GLY A 71 -5.00 9.49 -13.20
C GLY A 71 -6.46 9.74 -12.86
N LEU A 72 -6.85 9.72 -11.59
CA LEU A 72 -8.25 10.01 -11.20
C LEU A 72 -8.44 11.46 -10.81
N ARG A 73 -7.39 12.27 -10.91
CA ARG A 73 -7.48 13.68 -10.47
C ARG A 73 -8.68 14.38 -11.12
N ARG A 74 -9.28 15.31 -10.38
CA ARG A 74 -10.56 15.87 -10.84
C ARG A 74 -10.46 16.57 -12.19
N ASP A 75 -9.31 17.15 -12.49
CA ASP A 75 -9.15 17.83 -13.79
C ASP A 75 -9.05 16.90 -15.00
N ASN A 76 -8.94 15.59 -14.78
CA ASN A 76 -8.87 14.67 -15.89
C ASN A 76 -10.25 14.42 -16.47
N LYS A 77 -10.53 15.10 -17.59
CA LYS A 77 -11.78 14.89 -18.35
C LYS A 77 -11.73 13.68 -19.28
N ASN A 78 -10.56 13.11 -19.52
CA ASN A 78 -10.39 11.96 -20.43
CA ASN A 78 -10.38 11.96 -20.43
C ASN A 78 -10.59 10.64 -19.69
N LEU A 79 -11.67 10.56 -18.93
CA LEU A 79 -11.97 9.40 -18.10
C LEU A 79 -13.46 9.27 -17.86
N LYS A 80 -14.01 8.10 -18.16
CA LYS A 80 -15.38 7.78 -17.82
C LYS A 80 -15.38 7.50 -16.31
N ARG A 81 -16.22 8.23 -15.59
CA ARG A 81 -16.36 8.06 -14.15
C ARG A 81 -17.44 7.01 -13.88
N TYR A 82 -17.24 6.25 -12.82
CA TYR A 82 -18.20 5.21 -12.41
C TYR A 82 -18.32 5.18 -10.88
N ARG A 83 -19.45 4.65 -10.45
CA ARG A 83 -19.73 4.36 -9.06
C ARG A 83 -20.43 3.01 -8.99
N MET A 84 -19.87 2.05 -8.24
CA MET A 84 -20.58 0.83 -7.94
C MET A 84 -21.68 1.10 -6.92
N THR A 85 -22.81 0.41 -7.04
CA THR A 85 -23.87 0.53 -6.05
C THR A 85 -23.45 -0.19 -4.76
N PRO A 86 -24.02 0.20 -3.62
CA PRO A 86 -23.72 -0.52 -2.39
C PRO A 86 -23.99 -2.01 -2.48
N GLU A 87 -25.06 -2.40 -3.18
CA GLU A 87 -25.38 -3.81 -3.34
C GLU A 87 -24.33 -4.52 -4.19
N GLU A 88 -23.88 -3.90 -5.26
CA GLU A 88 -22.79 -4.44 -6.08
C GLU A 88 -21.53 -4.63 -5.23
N ILE A 89 -21.21 -3.67 -4.39
CA ILE A 89 -19.96 -3.73 -3.63
C ILE A 89 -20.04 -4.86 -2.62
N VAL A 90 -21.17 -4.96 -1.92
CA VAL A 90 -21.33 -6.00 -0.90
C VAL A 90 -21.27 -7.37 -1.58
N GLU A 91 -21.94 -7.54 -2.71
CA GLU A 91 -21.97 -8.84 -3.33
C GLU A 91 -20.63 -9.19 -3.95
N ARG A 92 -19.89 -8.19 -4.43
CA ARG A 92 -18.55 -8.42 -4.92
CA ARG A 92 -18.53 -8.40 -4.92
C ARG A 92 -17.62 -8.84 -3.77
N ALA A 93 -17.75 -8.20 -2.63
CA ALA A 93 -17.01 -8.60 -1.41
C ALA A 93 -17.37 -10.04 -1.03
N ARG A 94 -18.66 -10.39 -1.09
CA ARG A 94 -19.09 -11.75 -0.75
C ARG A 94 -18.41 -12.76 -1.66
N LEU A 95 -18.32 -12.45 -2.95
CA LEU A 95 -17.66 -13.34 -3.89
C LEU A 95 -16.19 -13.52 -3.53
N ALA A 96 -15.52 -12.44 -3.14
CA ALA A 96 -14.12 -12.55 -2.68
C ALA A 96 -13.98 -13.44 -1.47
N VAL A 97 -14.88 -13.30 -0.50
CA VAL A 97 -14.85 -14.16 0.68
C VAL A 97 -15.12 -15.62 0.28
N GLN A 98 -16.02 -15.84 -0.65
CA GLN A 98 -16.26 -17.18 -1.19
C GLN A 98 -15.01 -17.75 -1.83
N PHE A 99 -14.17 -16.88 -2.40
CA PHE A 99 -12.91 -17.30 -3.02
C PHE A 99 -11.77 -17.41 -2.04
N GLY A 100 -12.04 -17.16 -0.76
CA GLY A 100 -11.02 -17.29 0.28
C GLY A 100 -10.38 -16.05 0.85
N ALA A 101 -10.79 -14.87 0.38
CA ALA A 101 -10.19 -13.64 0.93
C ALA A 101 -10.58 -13.48 2.40
N LYS A 102 -9.57 -13.18 3.21
CA LYS A 102 -9.81 -12.96 4.64
CA LYS A 102 -9.73 -12.97 4.65
C LYS A 102 -9.76 -11.48 5.03
N THR A 103 -9.36 -10.60 4.10
CA THR A 103 -9.49 -9.14 4.23
C THR A 103 -10.08 -8.61 2.93
N ILE A 104 -11.06 -7.72 3.06
CA ILE A 104 -11.60 -6.95 1.95
C ILE A 104 -11.11 -5.51 2.09
N VAL A 105 -10.50 -4.99 1.03
CA VAL A 105 -10.06 -3.60 0.98
C VAL A 105 -11.02 -2.84 0.07
N LEU A 106 -11.61 -1.77 0.59
CA LEU A 106 -12.45 -0.89 -0.19
C LEU A 106 -11.65 0.39 -0.43
N GLN A 107 -11.44 0.69 -1.71
CA GLN A 107 -10.67 1.86 -2.11
C GLN A 107 -11.44 2.66 -3.15
N SER A 108 -11.30 3.96 -3.10
CA SER A 108 -11.94 4.83 -4.04
C SER A 108 -11.16 6.13 -4.18
N GLY A 109 -11.52 6.90 -5.21
CA GLY A 109 -11.22 8.33 -5.14
C GLY A 109 -11.96 8.94 -3.97
N GLU A 110 -11.63 10.18 -3.65
CA GLU A 110 -12.38 10.90 -2.61
C GLU A 110 -13.71 11.34 -3.19
N ASP A 111 -14.67 10.42 -3.16
CA ASP A 111 -15.99 10.56 -3.76
C ASP A 111 -17.01 10.89 -2.68
N PRO A 112 -17.47 12.14 -2.62
CA PRO A 112 -18.42 12.54 -1.59
C PRO A 112 -19.71 11.68 -1.47
N TYR A 113 -20.14 11.05 -2.55
CA TYR A 113 -21.46 10.42 -2.61
C TYR A 113 -21.68 9.44 -1.46
OD1 OTY A 114 -18.53 7.68 -2.78
N OTY A 114 -20.64 8.67 -1.14
CA OTY A 114 -20.74 7.58 -0.20
C OTY A 114 -20.58 8.01 1.25
O OTY A 114 -20.79 7.19 2.15
CB OTY A 114 -19.67 6.52 -0.48
CG OTY A 114 -19.74 5.88 -1.86
CD1 OTY A 114 -19.16 6.50 -2.97
CD2 OTY A 114 -20.42 4.67 -2.01
CE1 OTY A 114 -19.26 5.87 -4.21
CE2 OTY A 114 -20.49 4.05 -3.25
CZ OTY A 114 -19.93 4.65 -4.36
OH OTY A 114 -19.97 4.04 -5.59
N MET A 115 -20.15 9.25 1.49
CA MET A 115 -19.53 9.61 2.78
C MET A 115 -20.43 10.37 3.72
N PRO A 116 -20.56 9.92 4.98
CA PRO A 116 -20.03 8.69 5.55
C PRO A 116 -20.98 7.49 5.57
N ASP A 117 -22.28 7.68 5.39
CA ASP A 117 -23.26 6.67 5.76
C ASP A 117 -23.32 5.47 4.84
N VAL A 118 -23.13 5.67 3.55
CA VAL A 118 -23.18 4.54 2.63
C VAL A 118 -22.02 3.60 2.94
N ILE A 119 -20.83 4.18 3.17
CA ILE A 119 -19.67 3.37 3.58
C ILE A 119 -20.01 2.58 4.84
N SER A 120 -20.56 3.25 5.84
CA SER A 120 -20.91 2.56 7.09
C SER A 120 -21.81 1.36 6.84
N ASP A 121 -22.81 1.55 6.00
CA ASP A 121 -23.76 0.47 5.70
C ASP A 121 -23.02 -0.71 5.04
N ILE A 122 -22.16 -0.40 4.08
CA ILE A 122 -21.39 -1.43 3.35
C ILE A 122 -20.48 -2.20 4.31
N VAL A 123 -19.77 -1.46 5.15
CA VAL A 123 -18.84 -2.05 6.12
C VAL A 123 -19.59 -3.02 7.02
N LYS A 124 -20.73 -2.57 7.54
CA LYS A 124 -21.54 -3.45 8.40
C LYS A 124 -21.92 -4.77 7.72
N GLU A 125 -22.33 -4.68 6.47
CA GLU A 125 -22.73 -5.88 5.74
C GLU A 125 -21.55 -6.81 5.48
N ILE A 126 -20.39 -6.26 5.14
CA ILE A 126 -19.24 -7.10 4.88
C ILE A 126 -18.70 -7.73 6.18
N LYS A 127 -18.71 -6.96 7.27
CA LYS A 127 -18.27 -7.52 8.56
C LYS A 127 -19.08 -8.76 8.99
N LYS A 128 -20.33 -8.87 8.58
CA LYS A 128 -21.14 -10.05 8.87
C LYS A 128 -20.52 -11.34 8.29
N MET A 129 -19.66 -11.21 7.28
CA MET A 129 -19.03 -12.31 6.57
CA MET A 129 -19.07 -12.38 6.67
C MET A 129 -17.82 -12.86 7.35
N GLY A 130 -17.46 -12.22 8.46
CA GLY A 130 -16.39 -12.73 9.33
C GLY A 130 -14.98 -12.52 8.80
N VAL A 131 -14.77 -11.42 8.09
CA VAL A 131 -13.48 -11.05 7.55
C VAL A 131 -13.09 -9.68 8.04
N ALA A 132 -11.81 -9.34 7.88
CA ALA A 132 -11.32 -8.00 8.15
C ALA A 132 -11.74 -7.06 7.02
N VAL A 133 -12.02 -5.82 7.39
CA VAL A 133 -12.29 -4.76 6.45
C VAL A 133 -11.27 -3.63 6.60
N THR A 134 -10.70 -3.28 5.46
CA THR A 134 -9.76 -2.18 5.35
C THR A 134 -10.37 -1.12 4.45
N LEU A 135 -10.31 0.12 4.89
CA LEU A 135 -10.74 1.25 4.05
C LEU A 135 -9.56 2.04 3.53
N SER A 136 -9.70 2.57 2.32
CA SER A 136 -8.68 3.40 1.74
C SER A 136 -9.41 4.46 0.91
N LEU A 137 -9.92 5.46 1.61
CA LEU A 137 -10.87 6.43 1.03
C LEU A 137 -10.34 7.85 1.04
N GLY A 138 -9.11 8.06 1.52
CA GLY A 138 -8.53 9.38 1.52
C GLY A 138 -8.78 10.12 2.83
N GLU A 139 -8.73 11.46 2.74
CA GLU A 139 -8.81 12.38 3.89
C GLU A 139 -10.23 12.84 4.12
N TRP A 140 -10.73 12.57 5.34
CA TRP A 140 -12.11 12.93 5.70
C TRP A 140 -12.11 13.39 7.16
N PRO A 141 -13.19 14.05 7.60
CA PRO A 141 -13.25 14.47 8.98
C PRO A 141 -13.13 13.34 9.98
N ARG A 142 -12.62 13.64 11.18
CA ARG A 142 -12.51 12.67 12.25
CA ARG A 142 -12.50 12.66 12.24
C ARG A 142 -13.83 11.95 12.46
N GLU A 143 -14.92 12.70 12.38
CA GLU A 143 -16.23 12.12 12.61
C GLU A 143 -16.55 10.95 11.65
N TYR A 144 -16.11 11.07 10.41
CA TYR A 144 -16.35 10.01 9.42
C TYR A 144 -15.52 8.79 9.81
N TYR A 145 -14.26 9.00 10.13
CA TYR A 145 -13.40 7.90 10.59
C TYR A 145 -13.99 7.21 11.82
N GLU A 146 -14.54 8.00 12.72
CA GLU A 146 -15.16 7.44 13.94
CA GLU A 146 -15.14 7.41 13.93
C GLU A 146 -16.35 6.57 13.58
N LYS A 147 -17.21 7.08 12.71
CA LYS A 147 -18.40 6.33 12.28
C LYS A 147 -18.01 5.00 11.62
N TRP A 148 -16.98 5.03 10.80
CA TRP A 148 -16.53 3.81 10.08
C TRP A 148 -15.92 2.78 11.03
N LYS A 149 -15.25 3.26 12.07
CA LYS A 149 -14.69 2.37 13.11
C LYS A 149 -15.83 1.74 13.90
N GLU A 150 -16.81 2.55 14.27
CA GLU A 150 -18.00 2.00 14.94
C GLU A 150 -18.77 0.98 14.08
N ALA A 151 -18.78 1.21 12.76
CA ALA A 151 -19.43 0.31 11.82
C ALA A 151 -18.71 -1.03 11.71
N GLY A 152 -17.46 -1.07 12.15
CA GLY A 152 -16.68 -2.29 12.23
C GLY A 152 -15.41 -2.34 11.38
N ALA A 153 -15.03 -1.24 10.71
CA ALA A 153 -13.77 -1.24 9.95
C ALA A 153 -12.59 -1.54 10.85
N ASP A 154 -11.66 -2.35 10.37
CA ASP A 154 -10.49 -2.77 11.12
C ASP A 154 -9.25 -1.96 10.83
N ARG A 155 -9.05 -1.59 9.56
CA ARG A 155 -7.81 -1.01 9.12
C ARG A 155 -8.08 0.15 8.18
N TYR A 156 -7.10 1.03 8.05
CA TYR A 156 -7.19 2.17 7.13
C TYR A 156 -5.84 2.38 6.49
N LEU A 157 -5.86 2.44 5.16
CA LEU A 157 -4.66 2.73 4.38
C LEU A 157 -4.69 4.16 3.92
N LEU A 158 -3.66 4.93 4.28
CA LEU A 158 -3.55 6.34 3.90
C LEU A 158 -2.08 6.63 3.69
N ARG A 159 -1.55 6.32 2.51
CA ARG A 159 -0.13 6.52 2.27
C ARG A 159 0.22 7.97 2.54
N HIS A 160 1.35 8.21 3.20
CA HIS A 160 1.77 9.59 3.45
C HIS A 160 2.31 10.28 2.19
N GLU A 161 2.65 9.46 1.17
CA GLU A 161 3.01 9.89 -0.20
C GLU A 161 4.44 10.42 -0.30
N THR A 162 4.71 11.46 0.48
CA THR A 162 6.06 12.02 0.64
C THR A 162 6.07 12.78 1.97
N ALA A 163 7.14 12.60 2.73
CA ALA A 163 7.30 13.27 4.01
C ALA A 163 7.96 14.65 3.88
N ASN A 164 8.25 15.07 2.67
CA ASN A 164 8.78 16.42 2.42
C ASN A 164 7.57 17.33 2.29
N PRO A 165 7.35 18.23 3.26
CA PRO A 165 6.11 19.01 3.21
C PRO A 165 5.98 19.93 2.02
N VAL A 166 7.11 20.40 1.51
CA VAL A 166 7.07 21.27 0.35
C VAL A 166 6.66 20.51 -0.91
N LEU A 167 7.31 19.38 -1.14
CA LEU A 167 6.96 18.53 -2.26
C LEU A 167 5.50 18.03 -2.13
N HIS A 168 5.10 17.67 -0.91
CA HIS A 168 3.74 17.17 -0.68
C HIS A 168 2.71 18.20 -1.14
N ARG A 169 2.88 19.45 -0.72
CA ARG A 169 1.94 20.50 -1.04
C ARG A 169 1.89 20.80 -2.53
N LYS A 170 3.04 20.75 -3.20
CA LYS A 170 3.08 20.95 -4.65
C LYS A 170 2.34 19.83 -5.40
N LEU A 171 2.54 18.60 -4.96
CA LEU A 171 1.94 17.47 -5.64
C LEU A 171 0.48 17.24 -5.27
N ARG A 172 0.06 17.76 -4.11
CA ARG A 172 -1.26 17.49 -3.57
C ARG A 172 -1.85 18.84 -3.15
N PRO A 173 -2.21 19.67 -4.16
CA PRO A 173 -2.49 21.09 -3.93
C PRO A 173 -3.75 21.38 -3.14
N ASP A 174 -4.58 20.37 -2.88
CA ASP A 174 -5.80 20.55 -2.09
C ASP A 174 -5.53 20.43 -0.61
N THR A 175 -4.32 20.00 -0.25
CA THR A 175 -4.09 19.57 1.11
C THR A 175 -2.62 19.79 1.51
N SER A 176 -2.13 19.02 2.48
CA SER A 176 -0.77 19.24 3.01
C SER A 176 -0.30 18.02 3.74
N PHE A 177 1.01 17.93 3.92
CA PHE A 177 1.59 16.87 4.72
C PHE A 177 1.08 16.96 6.17
N GLU A 178 0.96 18.20 6.70
CA GLU A 178 0.42 18.38 8.03
C GLU A 178 -0.95 17.74 8.16
N ASN A 179 -1.83 17.96 7.18
CA ASN A 179 -3.15 17.33 7.13
CA ASN A 179 -3.14 17.33 7.25
C ASN A 179 -3.05 15.81 7.10
N ARG A 180 -2.21 15.32 6.21
CA ARG A 180 -2.07 13.88 6.01
C ARG A 180 -1.60 13.20 7.28
N LEU A 181 -0.61 13.79 7.93
CA LEU A 181 -0.15 13.26 9.20
C LEU A 181 -1.23 13.30 10.28
N ASN A 182 -1.95 14.42 10.37
CA ASN A 182 -3.05 14.51 11.33
C ASN A 182 -4.11 13.42 11.11
N CSO A 183 -4.42 13.13 9.85
CA CSO A 183 -5.34 12.02 9.54
CB CSO A 183 -5.65 11.91 8.05
SG CSO A 183 -6.51 13.34 7.36
C CSO A 183 -4.79 10.68 10.03
O CSO A 183 -5.49 9.91 10.69
OD CSO A 183 -8.19 13.27 7.71
N LEU A 184 -3.51 10.42 9.74
CA LEU A 184 -2.87 9.17 10.20
C LEU A 184 -2.87 9.06 11.73
N LEU A 185 -2.58 10.15 12.42
CA LEU A 185 -2.58 10.16 13.90
C LEU A 185 -3.99 9.93 14.44
N THR A 186 -5.00 10.52 13.80
CA THR A 186 -6.41 10.34 14.18
C THR A 186 -6.81 8.89 14.00
N LEU A 187 -6.45 8.30 12.86
CA LEU A 187 -6.74 6.90 12.59
C LEU A 187 -6.13 6.00 13.66
N LYS A 188 -4.87 6.22 14.01
CA LYS A 188 -4.24 5.44 15.07
CA LYS A 188 -4.24 5.43 15.08
C LYS A 188 -4.96 5.61 16.42
N GLU A 189 -5.32 6.85 16.75
CA GLU A 189 -5.98 7.15 18.02
C GLU A 189 -7.32 6.43 18.14
N LEU A 190 -8.00 6.29 17.00
CA LEU A 190 -9.30 5.64 16.95
C LEU A 190 -9.21 4.13 16.99
N GLY A 191 -8.01 3.58 16.93
CA GLY A 191 -7.80 2.15 17.06
C GLY A 191 -7.71 1.39 15.75
N TYR A 192 -7.66 2.07 14.60
CA TYR A 192 -7.40 1.37 13.37
C TYR A 192 -5.99 0.79 13.34
N GLU A 193 -5.82 -0.36 12.68
CA GLU A 193 -4.50 -0.70 12.18
CA GLU A 193 -4.49 -0.72 12.19
C GLU A 193 -4.28 0.23 11.01
N THR A 194 -3.20 0.97 11.04
CA THR A 194 -3.02 2.11 10.15
CA THR A 194 -3.04 2.08 10.10
C THR A 194 -1.85 1.88 9.19
N GLY A 195 -2.08 2.16 7.91
CA GLY A 195 -1.07 2.01 6.91
C GLY A 195 -0.66 3.35 6.30
N ALA A 196 0.65 3.52 6.18
CA ALA A 196 1.22 4.70 5.51
C ALA A 196 2.06 4.20 4.35
N GLY A 197 3.05 4.97 3.93
CA GLY A 197 3.86 4.61 2.78
C GLY A 197 3.96 5.73 1.77
N SER A 198 4.71 5.48 0.71
CA SER A 198 5.13 6.55 -0.15
C SER A 198 5.46 6.08 -1.53
N MET A 199 5.54 7.03 -2.45
CA MET A 199 5.99 6.76 -3.79
C MET A 199 7.48 7.06 -3.88
N VAL A 200 8.17 6.35 -4.76
CA VAL A 200 9.59 6.51 -4.96
C VAL A 200 9.86 6.98 -6.38
N GLY A 201 10.66 8.02 -6.54
CA GLY A 201 10.98 8.57 -7.84
C GLY A 201 10.03 9.65 -8.32
N LEU A 202 9.32 10.28 -7.39
CA LEU A 202 8.49 11.43 -7.70
C LEU A 202 9.37 12.55 -8.26
N PRO A 203 8.81 13.35 -9.18
CA PRO A 203 9.60 14.49 -9.69
C PRO A 203 9.96 15.42 -8.55
N GLY A 204 11.23 15.77 -8.44
CA GLY A 204 11.71 16.65 -7.37
C GLY A 204 12.14 15.97 -6.10
N GLN A 205 11.88 14.66 -5.98
CA GLN A 205 12.21 13.91 -4.79
C GLN A 205 13.68 13.52 -4.81
N THR A 206 14.34 13.63 -3.67
CA THR A 206 15.76 13.35 -3.54
C THR A 206 16.00 12.11 -2.68
N ILE A 207 17.24 11.63 -2.65
CA ILE A 207 17.60 10.54 -1.76
C ILE A 207 17.37 10.92 -0.30
N ASP A 208 17.72 12.15 0.07
CA ASP A 208 17.48 12.59 1.44
C ASP A 208 15.97 12.55 1.77
N ASP A 209 15.14 12.86 0.79
CA ASP A 209 13.69 12.71 0.99
C ASP A 209 13.30 11.26 1.31
N LEU A 210 13.89 10.33 0.58
CA LEU A 210 13.64 8.90 0.84
C LEU A 210 14.07 8.49 2.24
N VAL A 211 15.24 8.97 2.68
CA VAL A 211 15.68 8.77 4.06
C VAL A 211 14.65 9.31 5.06
N ASP A 212 14.14 10.51 4.80
CA ASP A 212 13.12 11.09 5.66
C ASP A 212 11.83 10.25 5.67
N ASP A 213 11.47 9.65 4.53
CA ASP A 213 10.32 8.75 4.50
C ASP A 213 10.55 7.56 5.44
N LEU A 214 11.73 6.95 5.33
CA LEU A 214 12.07 5.81 6.20
C LEU A 214 12.03 6.20 7.68
N LEU A 215 12.62 7.34 8.02
CA LEU A 215 12.61 7.78 9.42
C LEU A 215 11.21 8.12 9.94
N PHE A 216 10.38 8.70 9.08
CA PHE A 216 8.97 8.95 9.38
C PHE A 216 8.20 7.66 9.68
N LEU A 217 8.41 6.64 8.85
CA LEU A 217 7.74 5.36 9.06
C LEU A 217 8.17 4.72 10.39
N LYS A 218 9.47 4.79 10.66
CA LYS A 218 10.01 4.22 11.89
C LYS A 218 9.50 4.98 13.13
N GLU A 219 9.45 6.30 13.03
CA GLU A 219 8.96 7.16 14.10
C GLU A 219 7.55 6.77 14.54
N HIS A 220 6.67 6.54 13.58
CA HIS A 220 5.25 6.36 13.87
C HIS A 220 4.85 4.90 13.97
N ASP A 221 5.77 4.00 13.66
CA ASP A 221 5.57 2.58 13.88
C ASP A 221 4.29 2.05 13.25
N PHE A 222 4.12 2.33 11.96
CA PHE A 222 2.88 1.96 11.27
C PHE A 222 2.69 0.44 11.18
N ASP A 223 1.43 0.02 11.22
CA ASP A 223 1.11 -1.39 11.08
CA ASP A 223 1.08 -1.40 11.07
C ASP A 223 1.37 -1.93 9.68
N MET A 224 1.11 -1.08 8.68
CA MET A 224 1.29 -1.41 7.27
CA MET A 224 1.33 -1.43 7.29
C MET A 224 2.06 -0.30 6.58
N VAL A 225 2.84 -0.70 5.59
CA VAL A 225 3.56 0.28 4.79
C VAL A 225 3.50 -0.11 3.33
N GLY A 226 2.87 0.75 2.52
CA GLY A 226 2.75 0.53 1.09
C GLY A 226 3.67 1.43 0.31
N ILE A 227 4.55 0.80 -0.47
CA ILE A 227 5.57 1.52 -1.23
C ILE A 227 5.55 1.07 -2.69
N GLY A 228 5.56 2.03 -3.60
CA GLY A 228 5.72 1.71 -5.00
C GLY A 228 6.42 2.82 -5.74
N PRO A 229 6.81 2.54 -6.97
CA PRO A 229 7.43 3.56 -7.80
C PRO A 229 6.39 4.50 -8.35
N PHE A 230 6.78 5.74 -8.56
CA PHE A 230 5.96 6.67 -9.33
C PHE A 230 5.93 6.23 -10.81
N ILE A 231 4.74 6.19 -11.39
CA ILE A 231 4.57 5.82 -12.79
C ILE A 231 3.78 6.96 -13.48
N PRO A 232 4.40 7.72 -14.41
CA PRO A 232 3.70 8.86 -15.01
CA PRO A 232 3.71 8.84 -15.04
C PRO A 232 2.44 8.44 -15.79
N HIS A 233 1.40 9.24 -15.64
CA HIS A 233 0.11 8.98 -16.28
C HIS A 233 -0.09 10.06 -17.34
N PRO A 234 -0.47 9.64 -18.55
CA PRO A 234 -0.51 10.60 -19.66
C PRO A 234 -1.53 11.72 -19.54
N ASP A 235 -2.57 11.51 -18.73
CA ASP A 235 -3.63 12.50 -18.56
C ASP A 235 -3.45 13.34 -17.29
N THR A 236 -2.18 13.55 -16.92
CA THR A 236 -1.82 14.34 -15.75
C THR A 236 -0.69 15.32 -16.06
N PRO A 237 -0.50 16.32 -15.19
CA PRO A 237 0.63 17.25 -15.39
C PRO A 237 2.03 16.64 -15.33
N LEU A 238 2.13 15.43 -14.80
CA LEU A 238 3.43 14.76 -14.69
C LEU A 238 3.68 13.72 -15.80
N ALA A 239 2.88 13.79 -16.85
CA ALA A 239 2.94 12.85 -17.99
C ALA A 239 4.34 12.62 -18.55
N ASN A 240 5.14 13.67 -18.61
CA ASN A 240 6.45 13.60 -19.25
C ASN A 240 7.61 13.43 -18.29
N GLU A 241 7.32 13.15 -17.02
CA GLU A 241 8.36 12.94 -16.04
C GLU A 241 8.87 11.50 -16.08
N LYS A 242 10.01 11.26 -15.44
CA LYS A 242 10.58 9.92 -15.43
C LYS A 242 9.90 9.01 -14.40
N LYS A 243 9.74 7.74 -14.76
CA LYS A 243 9.25 6.73 -13.82
C LYS A 243 10.27 6.49 -12.71
N GLY A 244 9.78 6.09 -11.56
CA GLY A 244 10.64 5.68 -10.47
C GLY A 244 11.41 4.41 -10.79
N ASP A 245 12.60 4.32 -10.21
CA ASP A 245 13.47 3.19 -10.43
C ASP A 245 13.05 1.99 -9.61
N PHE A 246 12.93 0.85 -10.25
CA PHE A 246 12.49 -0.36 -9.54
C PHE A 246 13.44 -0.77 -8.43
N THR A 247 14.75 -0.79 -8.72
CA THR A 247 15.71 -1.26 -7.72
C THR A 247 15.74 -0.35 -6.51
N LEU A 248 15.67 0.96 -6.73
CA LEU A 248 15.66 1.89 -5.60
C LEU A 248 14.39 1.67 -4.77
N THR A 249 13.26 1.47 -5.43
CA THR A 249 12.01 1.22 -4.74
C THR A 249 12.08 -0.08 -3.93
N LEU A 250 12.71 -1.09 -4.51
CA LEU A 250 12.91 -2.37 -3.83
C LEU A 250 13.75 -2.20 -2.57
N LYS A 251 14.80 -1.37 -2.66
CA LYS A 251 15.60 -1.05 -1.49
C LYS A 251 14.81 -0.35 -0.39
N MET A 252 13.87 0.51 -0.76
CA MET A 252 12.97 1.11 0.20
C MET A 252 12.12 0.07 0.91
N VAL A 253 11.61 -0.91 0.16
CA VAL A 253 10.82 -1.98 0.77
C VAL A 253 11.71 -2.79 1.72
N ALA A 254 12.93 -3.13 1.27
CA ALA A 254 13.84 -3.91 2.09
C ALA A 254 14.17 -3.17 3.39
N LEU A 255 14.52 -1.89 3.27
CA LEU A 255 14.85 -1.12 4.46
C LEU A 255 13.66 -0.94 5.38
N THR A 256 12.44 -0.84 4.82
CA THR A 256 11.25 -0.73 5.65
C THR A 256 11.08 -2.01 6.50
N ARG A 257 11.28 -3.17 5.89
CA ARG A 257 11.22 -4.42 6.63
C ARG A 257 12.27 -4.48 7.74
N ILE A 258 13.49 -4.03 7.42
CA ILE A 258 14.58 -4.03 8.41
C ILE A 258 14.24 -3.11 9.59
N LEU A 259 13.65 -1.94 9.29
CA LEU A 259 13.28 -0.97 10.32
C LEU A 259 12.05 -1.35 11.13
N LEU A 260 11.10 -1.99 10.46
CA LEU A 260 9.81 -2.32 11.03
C LEU A 260 9.57 -3.82 10.82
N PRO A 261 10.33 -4.65 11.57
CA PRO A 261 10.36 -6.06 11.22
C PRO A 261 9.08 -6.84 11.37
N ASP A 262 8.15 -6.38 12.21
CA ASP A 262 6.88 -7.04 12.40
C ASP A 262 5.73 -6.37 11.67
N SER A 263 6.01 -5.50 10.73
CA SER A 263 4.94 -4.83 9.99
C SER A 263 4.42 -5.67 8.82
N ASN A 264 3.26 -5.28 8.31
CA ASN A 264 2.72 -5.84 7.11
C ASN A 264 3.05 -4.95 5.91
N ILE A 265 3.69 -5.53 4.92
CA ILE A 265 4.29 -4.77 3.81
C ILE A 265 3.87 -5.42 2.49
N PRO A 266 2.98 -4.77 1.72
CA PRO A 266 2.60 -5.38 0.44
CA PRO A 266 2.60 -5.38 0.44
C PRO A 266 3.67 -5.30 -0.64
N ALA A 267 3.60 -6.25 -1.58
CA ALA A 267 4.26 -6.21 -2.87
C ALA A 267 3.24 -5.53 -3.77
N THR A 268 3.38 -4.23 -3.98
CA THR A 268 2.33 -3.47 -4.60
C THR A 268 2.21 -3.71 -6.09
N THR A 269 1.02 -3.48 -6.61
CA THR A 269 0.79 -3.72 -8.02
C THR A 269 1.67 -2.85 -8.91
N ALA A 270 2.02 -1.66 -8.45
CA ALA A 270 2.92 -0.78 -9.22
C ALA A 270 4.28 -1.45 -9.43
N MET A 271 4.73 -2.25 -8.45
CA MET A 271 5.99 -2.99 -8.64
C MET A 271 5.89 -3.98 -9.78
N GLY A 272 4.73 -4.61 -9.93
CA GLY A 272 4.49 -5.55 -11.00
C GLY A 272 4.22 -4.91 -12.35
N THR A 273 3.90 -3.63 -12.34
CA THR A 273 3.65 -2.87 -13.56
C THR A 273 4.96 -2.39 -14.16
N ILE A 274 5.89 -1.91 -13.35
CA ILE A 274 7.15 -1.36 -13.81
CA ILE A 274 7.11 -1.38 -13.98
C ILE A 274 8.13 -2.44 -14.34
N VAL A 275 8.05 -3.63 -13.74
CA VAL A 275 8.93 -4.73 -14.11
C VAL A 275 8.10 -6.02 -14.11
N PRO A 276 8.16 -6.79 -15.23
CA PRO A 276 7.48 -8.08 -15.20
C PRO A 276 8.01 -8.96 -14.08
N GLY A 277 7.09 -9.46 -13.27
CA GLY A 277 7.45 -10.25 -12.11
C GLY A 277 7.91 -9.43 -10.92
N GLY A 278 7.65 -8.14 -10.95
CA GLY A 278 8.07 -7.24 -9.86
C GLY A 278 7.45 -7.56 -8.51
N ARG A 279 6.20 -8.02 -8.47
CA ARG A 279 5.60 -8.34 -7.17
C ARG A 279 6.30 -9.52 -6.51
N GLU A 280 6.59 -10.54 -7.32
CA GLU A 280 7.24 -11.75 -6.83
C GLU A 280 8.64 -11.42 -6.29
N ILE A 281 9.38 -10.58 -6.99
CA ILE A 281 10.67 -10.10 -6.46
C ILE A 281 10.47 -9.42 -5.11
N THR A 282 9.48 -8.53 -5.04
CA THR A 282 9.29 -7.76 -3.82
C THR A 282 8.93 -8.65 -2.64
N LEU A 283 8.12 -9.69 -2.88
CA LEU A 283 7.80 -10.69 -1.85
C LEU A 283 9.01 -11.43 -1.32
N ARG A 284 10.10 -11.43 -2.09
CA ARG A 284 11.34 -12.05 -1.67
C ARG A 284 12.39 -11.07 -1.16
N CYS A 285 12.02 -9.80 -0.98
CA CYS A 285 12.93 -8.76 -0.52
C CYS A 285 12.29 -7.99 0.66
N GLY A 286 11.35 -8.60 1.37
CA GLY A 286 10.80 -8.02 2.57
C GLY A 286 9.29 -7.98 2.68
N ALA A 287 8.59 -8.07 1.56
CA ALA A 287 7.13 -7.98 1.58
C ALA A 287 6.49 -9.30 1.98
N ASN A 288 5.30 -9.21 2.56
CA ASN A 288 4.54 -10.36 3.04
C ASN A 288 3.04 -10.28 2.80
N VAL A 289 2.61 -9.34 1.97
CA VAL A 289 1.20 -9.14 1.67
C VAL A 289 1.06 -8.95 0.15
N ILE A 290 -0.09 -9.37 -0.37
CA ILE A 290 -0.39 -9.15 -1.78
C ILE A 290 -1.86 -8.75 -1.86
N MET A 291 -2.18 -7.87 -2.81
CA MET A 291 -3.51 -7.29 -2.95
C MET A 291 -4.10 -7.57 -4.33
N PRO A 292 -4.64 -8.76 -4.56
CA PRO A 292 -5.18 -9.04 -5.89
C PRO A 292 -6.39 -8.15 -6.18
N ASN A 293 -6.47 -7.71 -7.42
CA ASN A 293 -7.58 -6.89 -7.83
C ASN A 293 -8.87 -7.69 -7.86
N TRP A 294 -9.92 -7.13 -7.29
CA TRP A 294 -11.24 -7.74 -7.29
C TRP A 294 -12.29 -6.76 -7.80
N THR A 295 -11.86 -5.72 -8.50
CA THR A 295 -12.80 -4.79 -9.13
C THR A 295 -13.37 -5.47 -10.36
N PRO A 296 -14.70 -5.49 -10.51
CA PRO A 296 -15.22 -6.17 -11.70
C PRO A 296 -15.18 -5.33 -12.96
N SER A 297 -15.17 -5.99 -14.12
CA SER A 297 -15.54 -5.31 -15.37
C SER A 297 -16.99 -4.82 -15.26
N PRO A 298 -17.31 -3.68 -15.90
CA PRO A 298 -16.48 -2.87 -16.78
C PRO A 298 -15.69 -1.78 -16.09
N TYR A 299 -15.62 -1.82 -14.76
CA TYR A 299 -15.02 -0.73 -13.99
C TYR A 299 -13.51 -0.86 -13.80
N ARG A 300 -13.01 -2.08 -13.68
CA ARG A 300 -11.58 -2.28 -13.45
C ARG A 300 -10.72 -1.44 -14.38
N GLN A 301 -11.03 -1.46 -15.68
CA GLN A 301 -10.23 -0.72 -16.64
C GLN A 301 -10.34 0.81 -16.56
N LEU A 302 -11.31 1.30 -15.79
CA LEU A 302 -11.50 2.73 -15.58
C LEU A 302 -10.81 3.26 -14.34
N TYR A 303 -10.14 2.39 -13.58
CA TYR A 303 -9.46 2.79 -12.34
C TYR A 303 -7.99 2.61 -12.54
N GLN A 304 -7.39 3.56 -13.23
CA GLN A 304 -5.96 3.46 -13.54
C GLN A 304 -5.29 4.73 -13.03
N LEU A 305 -4.79 4.62 -11.81
CA LEU A 305 -4.06 5.70 -11.16
C LEU A 305 -2.82 6.02 -11.96
N TYR A 306 -2.23 4.95 -12.51
CA TYR A 306 -1.11 4.98 -13.44
C TYR A 306 -1.45 3.98 -14.56
N PRO A 307 -0.87 4.14 -15.73
CA PRO A 307 -1.11 3.24 -16.85
C PRO A 307 -0.39 1.90 -16.73
N GLY A 308 -0.85 0.92 -17.51
CA GLY A 308 -0.25 -0.41 -17.49
C GLY A 308 -0.69 -1.37 -16.39
N LYS A 309 -1.78 -1.06 -15.70
CA LYS A 309 -2.38 -1.97 -14.67
C LYS A 309 -2.34 -3.44 -15.10
N ILE A 310 -1.67 -4.31 -14.34
CA ILE A 310 -1.43 -5.69 -14.81
C ILE A 310 -2.66 -6.61 -14.91
N CSS A 311 -3.69 -6.33 -14.14
CA CSS A 311 -4.89 -7.16 -14.10
CB CSS A 311 -5.48 -7.09 -12.70
SG CSS A 311 -5.89 -5.38 -12.15
SD CSS A 311 -4.18 -4.99 -11.17
C CSS A 311 -5.99 -6.73 -15.06
O CSS A 311 -7.03 -7.36 -15.12
N VAL A 312 -5.76 -5.65 -15.80
CA VAL A 312 -6.85 -5.01 -16.54
CA VAL A 312 -6.85 -5.01 -16.54
C VAL A 312 -7.51 -5.92 -17.58
N PHE A 313 -6.73 -6.78 -18.23
CA PHE A 313 -7.30 -7.68 -19.24
C PHE A 313 -7.79 -8.99 -18.66
N GLU A 314 -7.58 -9.23 -17.37
CA GLU A 314 -7.93 -10.51 -16.79
C GLU A 314 -9.41 -10.54 -16.42
N LYS A 315 -9.96 -11.75 -16.28
CA LYS A 315 -11.35 -11.95 -15.89
C LYS A 315 -11.59 -11.50 -14.46
N ASP A 316 -12.86 -11.28 -14.12
CA ASP A 316 -13.26 -10.71 -12.83
C ASP A 316 -12.75 -11.52 -11.66
N THR A 317 -12.65 -12.83 -11.81
CA THR A 317 -12.30 -13.69 -10.69
C THR A 317 -10.86 -14.23 -10.80
N ALA A 318 -10.06 -13.73 -11.75
CA ALA A 318 -8.74 -14.31 -12.01
C ALA A 318 -7.71 -14.08 -10.90
N CYS A 319 -7.77 -12.95 -10.21
CA CYS A 319 -6.58 -12.50 -9.50
C CYS A 319 -6.36 -13.22 -8.18
N ILE A 320 -7.44 -13.65 -7.52
CA ILE A 320 -7.25 -14.43 -6.29
C ILE A 320 -6.58 -15.76 -6.61
N PRO A 321 -7.13 -16.55 -7.56
CA PRO A 321 -6.41 -17.76 -7.98
C PRO A 321 -4.97 -17.52 -8.44
N CSO A 322 -4.74 -16.45 -9.18
CA CSO A 322 -3.42 -16.15 -9.66
CB CSO A 322 -3.48 -14.93 -10.59
CB CSO A 322 -3.48 -14.98 -10.64
SG CSO A 322 -1.87 -14.53 -11.32
SG CSO A 322 -4.08 -15.54 -12.26
C CSO A 322 -2.45 -15.91 -8.51
O CSO A 322 -1.31 -16.43 -8.55
OD CSO A 322 -1.03 -13.29 -10.33
OD CSO A 322 -3.09 -16.93 -12.80
N VAL A 323 -2.84 -15.16 -7.48
CA VAL A 323 -1.92 -14.92 -6.37
C VAL A 323 -1.75 -16.18 -5.50
N MET A 324 -2.72 -17.08 -5.49
CA MET A 324 -2.53 -18.31 -4.75
CA MET A 324 -2.60 -18.37 -4.79
C MET A 324 -1.51 -19.20 -5.45
N LYS A 325 -1.54 -19.23 -6.77
CA LYS A 325 -0.51 -19.94 -7.54
C LYS A 325 0.84 -19.27 -7.27
N MET A 326 0.88 -17.93 -7.31
CA MET A 326 2.11 -17.21 -7.04
C MET A 326 2.72 -17.58 -5.68
N ILE A 327 1.89 -17.56 -4.65
CA ILE A 327 2.35 -17.87 -3.32
C ILE A 327 2.95 -19.29 -3.27
N GLU A 328 2.33 -20.24 -3.95
CA GLU A 328 2.82 -21.61 -3.95
C GLU A 328 4.15 -21.70 -4.71
N LEU A 329 4.25 -21.11 -5.91
CA LEU A 329 5.51 -21.20 -6.65
C LEU A 329 6.66 -20.45 -6.00
N LEU A 330 6.35 -19.51 -5.10
CA LEU A 330 7.37 -18.85 -4.29
C LEU A 330 7.79 -19.68 -3.07
N GLY A 331 7.14 -20.81 -2.85
CA GLY A 331 7.43 -21.62 -1.66
C GLY A 331 6.89 -21.07 -0.38
N ARG A 332 5.83 -20.26 -0.48
CA ARG A 332 5.19 -19.61 0.65
C ARG A 332 3.81 -20.24 0.92
N LYS A 333 3.07 -19.72 1.88
CA LYS A 333 1.75 -20.24 2.29
CA LYS A 333 1.74 -20.24 2.15
C LYS A 333 0.74 -19.11 2.32
N PRO A 334 -0.57 -19.35 2.02
CA PRO A 334 -1.50 -18.25 2.20
C PRO A 334 -1.76 -18.02 3.68
N GLY A 335 -2.14 -16.81 4.04
CA GLY A 335 -2.50 -16.49 5.40
C GLY A 335 -3.67 -17.32 5.86
N ARG A 336 -3.63 -17.73 7.13
CA ARG A 336 -4.64 -18.63 7.70
C ARG A 336 -5.73 -17.89 8.50
N ASP A 337 -5.41 -16.67 8.90
CA ASP A 337 -6.29 -15.83 9.71
C ASP A 337 -6.40 -14.49 9.00
N TRP A 338 -6.82 -13.43 9.69
CA TRP A 338 -6.98 -12.15 9.02
C TRP A 338 -5.66 -11.45 8.72
N GLY A 339 -4.53 -11.97 9.22
CA GLY A 339 -3.25 -11.34 8.98
C GLY A 339 -3.10 -9.97 9.58
N GLY A 340 -3.68 -9.74 10.75
CA GLY A 340 -3.43 -8.53 11.49
C GLY A 340 -1.98 -8.49 11.97
N ARG A 341 -1.50 -7.32 12.30
CA ARG A 341 -0.14 -7.21 12.79
C ARG A 341 0.03 -8.03 14.08
N LYS A 342 1.13 -8.76 14.16
CA LYS A 342 1.48 -9.59 15.34
C LYS A 342 2.76 -9.00 15.88
N ARG A 343 2.60 -8.05 16.80
CA ARG A 343 3.74 -7.29 17.30
C ARG A 343 4.68 -8.18 18.08
N VAL A 344 5.96 -8.04 17.79
CA VAL A 344 7.02 -8.67 18.55
C VAL A 344 7.71 -7.54 19.28
N PHE A 345 7.46 -7.44 20.58
CA PHE A 345 8.06 -6.39 21.40
C PHE A 345 9.53 -6.69 21.59
N GLU A 346 10.37 -5.69 21.42
CA GLU A 346 11.79 -5.94 21.59
CA GLU A 346 11.79 -5.93 21.56
C GLU A 346 12.45 -4.77 22.29
N THR A 347 13.76 -4.62 22.10
CA THR A 347 14.55 -3.58 22.74
C THR A 347 14.93 -2.58 21.67
FE1 SF4 B . -5.34 12.10 -5.01
FE2 SF4 B . -6.38 9.48 -4.11
FE3 SF4 B . -7.93 11.49 -5.64
FE4 SF4 B . -5.93 10.19 -6.87
S1 SF4 B . -7.80 9.25 -6.03
S2 SF4 B . -6.42 12.44 -7.06
S3 SF4 B . -4.36 10.01 -5.18
S4 SF4 B . -7.04 11.76 -3.52
N MET C . -7.91 8.58 -2.74
CA MET C . -7.33 7.78 -1.63
C MET C . -5.96 8.35 -1.31
O MET C . -5.39 8.03 -0.23
CB MET C . -7.17 6.33 -2.06
CG MET C . -5.92 6.02 -2.84
SD MET C . -5.76 6.90 -4.41
CE MET C . -7.11 6.07 -5.28
OXT MET C . -5.40 9.14 -2.10
N1 5AD D . 2.19 6.11 -9.87
C2 5AD D . 2.40 5.24 -8.83
N3 5AD D . 1.58 5.21 -7.75
C4 5AD D . 0.52 6.05 -7.73
N9 5AD D . -0.42 6.23 -6.78
C8 5AD D . -1.30 7.19 -7.24
N7 5AD D . -0.90 7.60 -8.46
C5 5AD D . 0.25 6.93 -8.79
C6 5AD D . 1.09 6.93 -9.88
N6 5AD D . 0.91 7.75 -10.93
C1' 5AD D . -0.41 5.57 -5.46
C2' 5AD D . -0.45 6.60 -4.31
C3' 5AD D . -1.74 6.25 -3.60
C4' 5AD D . -1.83 4.76 -3.91
C5' 5AD D . -3.21 4.14 -3.79
O4' 5AD D . -1.47 4.69 -5.28
O2' 5AD D . 0.70 6.39 -3.51
O3' 5AD D . -1.72 6.47 -2.20
C1 CPS E . -9.49 -20.52 -4.66
C2 CPS E . -10.17 -21.59 -5.52
C3 CPS E . -12.47 -20.49 -5.07
C4 CPS E . -13.94 -20.71 -4.69
C5 CPS E . -14.61 -21.76 -5.57
C6 CPS E . -13.80 -23.04 -5.42
C7 CPS E . -14.65 -24.09 -6.11
C8 CPS E . -16.10 -23.64 -5.85
C9 CPS E . -16.00 -22.26 -5.15
C10 CPS E . -14.68 -21.27 -7.02
C11 CPS E . -10.14 -21.15 -6.98
C12 CPS E . -9.34 -20.90 -3.20
C13 CPS E . -8.49 -22.16 -3.10
C14 CPS E . -9.16 -23.30 -3.89
C15 CPS E . -9.44 -22.92 -5.36
C16 CPS E . -10.12 -24.09 -6.08
C17 CPS E . -11.60 -24.26 -5.78
C18 CPS E . -12.34 -22.92 -5.87
C19 CPS E . -11.65 -21.80 -5.09
C20 CPS E . -17.23 -21.40 -5.40
C21 CPS E . -17.16 -20.02 -4.74
C22 CPS E . -18.54 -22.10 -4.99
C23 CPS E . -18.64 -22.65 -3.58
C24 CPS E . -18.55 -21.62 -2.47
C25 CPS E . -17.36 -20.96 -0.44
C26 CPS E . -16.04 -21.38 0.21
C27 CPS E . -15.68 -20.46 1.37
C28 CPS E . -13.31 -20.11 0.90
C29 CPS E . -14.23 -19.74 3.07
C30 CPS E . -14.03 -22.04 2.15
C31 CPS E . -12.68 -22.29 2.84
C32 CPS E . -12.48 -23.81 2.84
N1 CPS E . -17.58 -21.82 -1.59
N2 CPS E . -14.30 -20.61 1.86
O1 CPS E . -19.35 -20.69 -2.38
O2 CPS E . -8.28 -22.56 -1.73
O3 CPS E . -11.77 -24.86 -4.48
O4 CPS E . -14.02 -21.04 -3.29
O2S CPS E . -10.96 -25.73 3.47
O3S CPS E . -10.63 -23.57 4.54
O1S CPS E . -10.02 -23.87 2.18
S CPS E . -10.94 -24.27 3.26
C1 CPS F . 15.34 -12.71 -3.75
C2 CPS F . 16.56 -12.20 -4.51
C3 CPS F . 16.51 -14.30 -6.08
C4 CPS F . 17.32 -15.35 -6.86
C5 CPS F . 18.44 -14.68 -7.65
C6 CPS F . 19.32 -13.91 -6.68
C7 CPS F . 20.55 -13.52 -7.49
C8 CPS F . 20.71 -14.65 -8.50
C9 CPS F . 19.50 -15.58 -8.33
C10 CPS F . 17.85 -13.77 -8.73
C11 CPS F . 16.02 -11.22 -5.55
C12 CPS F . 15.69 -13.53 -2.51
C13 CPS F . 16.54 -12.71 -1.55
C14 CPS F . 17.78 -12.24 -2.28
C15 CPS F . 17.48 -11.45 -3.55
C16 CPS F . 18.79 -10.96 -4.19
C17 CPS F . 19.53 -12.04 -5.00
C18 CPS F . 18.58 -12.79 -5.95
C19 CPS F . 17.35 -13.35 -5.20
C20 CPS F . 19.10 -16.26 -9.66
C21 CPS F . 17.98 -17.28 -9.42
C22 CPS F . 20.30 -16.87 -10.38
C23 CPS F . 21.03 -17.91 -9.56
C24 CPS F . 22.04 -18.59 -10.44
C31 CPS F . 24.71 -23.43 -9.03
C32 CPS F . 25.72 -24.28 -9.78
N1 CPS F . 23.31 -18.19 -10.35
O1 CPS F . 21.69 -19.46 -11.22
O2 CPS F . 16.86 -13.49 -0.40
O3 CPS F . 20.19 -12.93 -4.09
O4 CPS F . 17.79 -16.32 -5.90
O2S CPS F . 24.75 -23.39 -11.99
O3S CPS F . 26.80 -24.68 -12.03
O1S CPS F . 26.80 -22.40 -11.18
S CPS F . 26.02 -23.66 -11.30
C1 CPS G . 18.10 -9.67 -9.11
C2 CPS G . 17.12 -8.51 -9.22
C3 CPS G . 16.94 -8.86 -11.78
C4 CPS G . 16.84 -8.21 -13.18
C5 CPS G . 15.71 -7.17 -13.23
C6 CPS G . 16.02 -6.15 -12.14
C7 CPS G . 15.02 -5.02 -12.42
C8 CPS G . 14.90 -4.99 -13.94
C9 CPS G . 15.59 -6.26 -14.47
C10 CPS G . 14.36 -7.86 -13.00
C11 CPS G . 15.75 -9.11 -8.92
C12 CPS G . 19.55 -9.23 -9.19
C13 CPS G . 19.87 -8.21 -8.11
C14 CPS G . 18.95 -7.01 -8.27
C15 CPS G . 17.47 -7.43 -8.19
C16 CPS G . 16.57 -6.21 -8.30
C17 CPS G . 16.47 -5.61 -9.70
C18 CPS G . 16.12 -6.70 -10.72
C19 CPS G . 17.11 -7.85 -10.63
C20 CPS G . 14.86 -6.82 -15.69
C21 CPS G . 15.57 -8.05 -16.27
C22 CPS G . 14.76 -5.79 -16.82
C23 CPS G . 13.61 -6.15 -17.77
C24 CPS G . 13.46 -5.13 -18.88
N1 CPS G . 14.19 -5.32 -19.96
O1 CPS G . 12.69 -4.18 -18.75
O2 CPS G . 21.21 -7.74 -8.25
O3 CPS G . 17.68 -4.92 -10.07
O4 CPS G . 18.12 -7.65 -13.52
C1 CPS H . 20.49 -11.47 -11.90
C2 CPS H . 19.81 -12.01 -13.15
C3 CPS H . 21.22 -14.17 -13.06
C4 CPS H . 22.12 -15.16 -13.82
C5 CPS H . 21.43 -15.68 -15.07
C6 CPS H . 21.00 -14.48 -15.91
C7 CPS H . 20.53 -15.09 -17.22
C8 CPS H . 21.45 -16.30 -17.40
C9 CPS H . 22.26 -16.44 -16.12
C10 CPS H . 20.23 -16.55 -14.66
C11 CPS H . 18.54 -12.71 -12.69
C12 CPS H . 21.62 -10.46 -12.15
C13 CPS H . 21.14 -9.31 -13.03
C14 CPS H . 20.57 -9.88 -14.31
C15 CPS H . 19.41 -10.85 -14.05
C16 CPS H . 18.82 -11.30 -15.39
C17 CPS H . 19.67 -12.35 -16.12
C18 CPS H . 20.05 -13.51 -15.21
C19 CPS H . 20.72 -12.99 -13.92
C20 CPS H . 22.62 -17.91 -15.83
C21 CPS H . 23.38 -18.08 -14.53
C22 CPS H . 23.42 -18.53 -16.97
O2 CPS H . 22.24 -8.43 -13.32
O3 CPS H . 20.83 -11.72 -16.70
O4 CPS H . 23.39 -14.51 -14.12
C1 CPS I . -4.90 -24.62 -1.70
C2 CPS I . -3.93 -23.80 -2.55
C3 CPS I . -5.61 -23.83 -4.52
C4 CPS I . -5.82 -24.19 -6.00
C5 CPS I . -4.92 -23.30 -6.84
C6 CPS I . -3.47 -23.54 -6.42
C7 CPS I . -2.71 -22.71 -7.44
C8 CPS I . -3.54 -22.81 -8.72
C9 CPS I . -4.82 -23.54 -8.36
C10 CPS I . -5.37 -21.86 -6.60
C11 CPS I . -4.13 -22.33 -2.20
C14 CPS I . -2.37 -25.80 -2.33
C15 CPS I . -2.53 -24.28 -2.21
C16 CPS I . -1.46 -23.64 -3.08
C17 CPS I . -1.76 -23.73 -4.57
C18 CPS I . -3.18 -23.31 -4.94
C19 CPS I . -4.17 -24.07 -4.05
C20 CPS I . -6.00 -23.19 -9.28
C21 CPS I . -7.35 -23.79 -8.86
C22 CPS I . -5.77 -23.76 -10.69
O3 CPS I . -1.47 -25.07 -4.98
O4 CPS I . -5.56 -25.58 -6.19
S3 S3H J . -5.36 -10.79 -12.06
S2 S3H J . -3.47 -9.83 -11.34
S1 S3H J . -2.97 -11.06 -9.81
CL CL K . 0.32 0.18 -6.38
CL CL L . -5.03 -4.61 4.81
CL CL M . -0.64 -0.61 -0.46
CL CL M . -0.69 -0.08 -1.09
C CO3 N . 13.78 -0.64 -14.19
O1 CO3 N . 14.85 -1.30 -13.86
O2 CO3 N . 13.27 -0.90 -15.35
O3 CO3 N . 13.24 0.24 -13.37
#